data_2WSW
#
_entry.id   2WSW
#
_cell.length_a   129.198
_cell.length_b   129.198
_cell.length_c   160.264
_cell.angle_alpha   90.00
_cell.angle_beta   90.00
_cell.angle_gamma   120.00
#
_symmetry.space_group_name_H-M   'H 3'
#
loop_
_entity.id
_entity.type
_entity.pdbx_description
1 polymer 'BCCT FAMILY BETAINE/CARNITINE/CHOLINE TRANSPORTER'
2 non-polymer GLYCEROL
3 non-polymer 5-CYCLOHEXYL-1-PENTYL-BETA-D-MALTOSIDE
4 non-polymer 'PENTAETHYLENE GLYCOL'
5 water water
#
_entity_poly.entity_id   1
_entity_poly.type   'polypeptide(L)'
_entity_poly.pdbx_seq_one_letter_code
;AARGSHMKDNKKAGIEPKVFFPPLIIVGILCWLTVRDLDASNEVINAVFSYVTNVWGWAFEWYMVIMFGGWFWLVFGRYA
KKRLGDEKPEFSTASWIFMMFASCTSAAVLFWGSIEIYYYISSPPFGMEGYSAPAKEIGLAYSLFHWGPLPWATYSFLSV
AFAYFFFVRKMEVIRPSSTLVPLVGEKHVNGLFGTVVDNFYLVALILAMGTSLGLATPLVTECIQYLFGIPHTLQLDAII
ISCWILLNAICVAFGLQKGVKIASDVRTYLSFLMLGWVFIVGGASFIVNYFTDSVGTLLMYMPRMLFYTDPIGKGGFPQA
WTVFYWAWWVIYAIQMSIFLARISKGRTVRELCLGMVSGLTAGTWLIWTILGGNTLQLIDQNILNIPQLIDQYGVPRAII
ETWAALPLSTATMWGFFILCFIATVTLINACSYTLAMSTCRSMKEGADPPLLVRIGWSVLVGIIGIILLALGGLKPIQTA
IIAGGCPLFFVNIMVTLSFIKDAKVHWKD
;
_entity_poly.pdbx_strand_id   A
#
loop_
_chem_comp.id
_chem_comp.type
_chem_comp.name
_chem_comp.formula
1PE non-polymer 'PENTAETHYLENE GLYCOL' 'C10 H22 O6'
CM5 non-polymer 5-CYCLOHEXYL-1-PENTYL-BETA-D-MALTOSIDE 'C23 H42 O11'
GOL non-polymer GLYCEROL 'C3 H8 O3'
#
# COMPACT_ATOMS: atom_id res chain seq x y z
N ALA A 1 20.73 -6.88 -38.83
CA ALA A 1 21.09 -7.57 -37.60
C ALA A 1 22.59 -7.46 -37.34
N ALA A 2 23.12 -6.25 -37.49
CA ALA A 2 24.56 -6.03 -37.39
C ALA A 2 24.87 -4.53 -37.31
N ARG A 3 26.11 -4.19 -37.00
CA ARG A 3 27.15 -5.16 -36.67
C ARG A 3 27.80 -4.77 -35.35
N GLY A 4 28.46 -5.73 -34.71
CA GLY A 4 28.99 -5.51 -33.38
C GLY A 4 27.86 -5.54 -32.36
N SER A 5 26.81 -6.28 -32.68
CA SER A 5 25.56 -6.26 -31.91
C SER A 5 25.62 -6.90 -30.52
N HIS A 6 26.40 -7.97 -30.38
CA HIS A 6 26.44 -8.71 -29.12
C HIS A 6 27.83 -8.77 -28.54
N MET A 7 28.45 -7.60 -28.42
CA MET A 7 29.82 -7.48 -27.94
C MET A 7 29.89 -6.73 -26.62
N LYS A 8 28.78 -6.78 -25.87
CA LYS A 8 28.67 -6.13 -24.56
C LYS A 8 27.25 -6.24 -23.99
N ASP A 9 27.08 -5.78 -22.76
CA ASP A 9 25.75 -5.59 -22.15
C ASP A 9 24.96 -4.54 -22.95
N ASN A 10 23.64 -4.68 -22.98
CA ASN A 10 22.80 -3.97 -23.96
C ASN A 10 22.90 -2.44 -24.05
N LYS A 11 22.99 -1.76 -22.90
CA LYS A 11 23.36 -0.33 -22.82
C LYS A 11 22.59 0.70 -23.69
N LYS A 12 21.32 0.45 -23.99
CA LYS A 12 20.52 1.46 -24.70
C LYS A 12 19.11 1.64 -24.13
N ALA A 13 18.50 2.79 -24.36
CA ALA A 13 17.27 3.17 -23.67
C ALA A 13 16.02 3.24 -24.56
N GLY A 14 14.91 2.74 -24.03
CA GLY A 14 13.63 2.70 -24.73
C GLY A 14 12.68 1.68 -24.12
N ILE A 15 11.50 1.53 -24.70
CA ILE A 15 10.53 0.56 -24.19
C ILE A 15 10.89 -0.89 -24.54
N GLU A 16 10.53 -1.82 -23.67
CA GLU A 16 10.70 -3.24 -23.97
C GLU A 16 9.34 -3.92 -24.18
N PRO A 17 8.98 -4.16 -25.45
CA PRO A 17 7.66 -4.64 -25.88
C PRO A 17 7.22 -5.89 -25.13
N LYS A 18 8.21 -6.65 -24.67
CA LYS A 18 8.00 -7.81 -23.79
C LYS A 18 6.97 -7.44 -22.72
N VAL A 19 7.20 -6.30 -22.06
CA VAL A 19 6.45 -5.96 -20.87
C VAL A 19 5.76 -4.60 -20.95
N PHE A 20 5.90 -3.90 -22.07
CA PHE A 20 5.27 -2.60 -22.21
C PHE A 20 3.86 -2.68 -22.78
N PHE A 21 3.68 -3.52 -23.80
CA PHE A 21 2.42 -3.59 -24.52
C PHE A 21 1.32 -4.36 -23.81
N PRO A 22 1.62 -5.58 -23.32
CA PRO A 22 0.56 -6.39 -22.71
C PRO A 22 -0.18 -5.69 -21.55
N PRO A 23 0.55 -5.05 -20.62
CA PRO A 23 -0.16 -4.33 -19.56
C PRO A 23 -1.08 -3.28 -20.14
N LEU A 24 -0.55 -2.48 -21.04
CA LEU A 24 -1.31 -1.41 -21.67
C LEU A 24 -2.58 -1.96 -22.29
N ILE A 25 -2.44 -3.03 -23.07
CA ILE A 25 -3.59 -3.61 -23.74
C ILE A 25 -4.60 -4.13 -22.72
N ILE A 26 -4.11 -4.80 -21.69
CA ILE A 26 -4.98 -5.47 -20.72
C ILE A 26 -5.77 -4.47 -19.89
N VAL A 27 -5.09 -3.45 -19.38
CA VAL A 27 -5.73 -2.41 -18.59
C VAL A 27 -6.64 -1.54 -19.45
N GLY A 28 -6.24 -1.31 -20.70
CA GLY A 28 -7.04 -0.55 -21.64
C GLY A 28 -8.35 -1.27 -21.89
N ILE A 29 -8.25 -2.55 -22.25
CA ILE A 29 -9.45 -3.35 -22.48
C ILE A 29 -10.38 -3.37 -21.26
N LEU A 30 -9.80 -3.45 -20.07
CA LEU A 30 -10.60 -3.51 -18.85
C LEU A 30 -11.30 -2.19 -18.58
N CYS A 31 -10.57 -1.08 -18.75
CA CYS A 31 -11.17 0.24 -18.60
C CYS A 31 -12.37 0.39 -19.52
N TRP A 32 -12.17 0.08 -20.80
CA TRP A 32 -13.23 0.22 -21.81
C TRP A 32 -14.49 -0.58 -21.46
N LEU A 33 -14.30 -1.84 -21.07
CA LEU A 33 -15.43 -2.69 -20.68
C LEU A 33 -16.16 -2.16 -19.45
N THR A 34 -15.40 -1.68 -18.48
CA THR A 34 -15.97 -1.15 -17.25
C THR A 34 -16.89 0.03 -17.53
N VAL A 35 -16.48 0.87 -18.46
CA VAL A 35 -17.19 2.09 -18.79
C VAL A 35 -18.43 1.86 -19.67
N ARG A 36 -18.42 0.76 -20.43
CA ARG A 36 -19.54 0.42 -21.30
C ARG A 36 -20.85 0.42 -20.52
N ASP A 37 -20.83 -0.12 -19.31
CA ASP A 37 -22.04 -0.22 -18.49
C ASP A 37 -21.69 -0.26 -17.00
N LEU A 38 -21.66 0.92 -16.38
CA LEU A 38 -21.21 1.07 -15.00
C LEU A 38 -22.01 0.25 -13.99
N ASP A 39 -23.29 0.04 -14.27
CA ASP A 39 -24.17 -0.68 -13.35
C ASP A 39 -23.95 -2.19 -13.40
N ALA A 40 -23.61 -2.70 -14.57
CA ALA A 40 -23.34 -4.12 -14.76
C ALA A 40 -21.92 -4.44 -14.32
N SER A 41 -21.01 -3.50 -14.53
CA SER A 41 -19.65 -3.61 -14.01
C SER A 41 -19.70 -3.78 -12.49
N ASN A 42 -20.40 -2.87 -11.83
CA ASN A 42 -20.60 -2.94 -10.38
C ASN A 42 -21.20 -4.26 -9.94
N GLU A 43 -22.05 -4.86 -10.76
CA GLU A 43 -22.67 -6.13 -10.40
C GLU A 43 -21.65 -7.24 -10.43
N VAL A 44 -20.78 -7.21 -11.43
CA VAL A 44 -19.71 -8.19 -11.58
C VAL A 44 -18.63 -7.96 -10.52
N ILE A 45 -18.25 -6.70 -10.36
CA ILE A 45 -17.32 -6.30 -9.31
C ILE A 45 -17.71 -6.91 -7.96
N ASN A 46 -18.98 -6.76 -7.57
CA ASN A 46 -19.49 -7.33 -6.33
C ASN A 46 -19.44 -8.85 -6.26
N ALA A 47 -19.69 -9.51 -7.39
CA ALA A 47 -19.63 -10.96 -7.47
C ALA A 47 -18.19 -11.48 -7.41
N VAL A 48 -17.25 -10.73 -7.95
CA VAL A 48 -15.83 -11.11 -7.87
C VAL A 48 -15.32 -11.00 -6.43
N PHE A 49 -15.67 -9.90 -5.77
CA PHE A 49 -15.34 -9.68 -4.37
C PHE A 49 -15.82 -10.83 -3.50
N SER A 50 -17.11 -11.13 -3.58
CA SER A 50 -17.73 -12.18 -2.78
C SER A 50 -17.15 -13.57 -3.03
N TYR A 51 -16.81 -13.84 -4.28
CA TYR A 51 -16.30 -15.15 -4.64
C TYR A 51 -14.89 -15.37 -4.11
N VAL A 52 -13.98 -14.44 -4.40
CA VAL A 52 -12.60 -14.61 -3.98
C VAL A 52 -12.50 -14.65 -2.47
N THR A 53 -13.09 -13.66 -1.81
CA THR A 53 -13.02 -13.59 -0.35
C THR A 53 -13.63 -14.80 0.35
N ASN A 54 -14.81 -15.23 -0.07
CA ASN A 54 -15.49 -16.36 0.57
C ASN A 54 -14.84 -17.70 0.27
N VAL A 55 -14.34 -17.89 -0.94
CA VAL A 55 -13.86 -19.21 -1.35
C VAL A 55 -12.36 -19.38 -1.14
N TRP A 56 -11.61 -18.29 -1.32
CA TRP A 56 -10.16 -18.34 -1.26
C TRP A 56 -9.58 -17.47 -0.14
N GLY A 57 -10.44 -16.93 0.72
CA GLY A 57 -9.97 -16.10 1.82
C GLY A 57 -9.00 -16.84 2.71
N TRP A 58 -9.29 -18.12 2.96
CA TRP A 58 -8.44 -18.96 3.77
C TRP A 58 -6.96 -18.99 3.28
N ALA A 59 -6.75 -19.02 1.97
CA ALA A 59 -5.38 -19.05 1.46
C ALA A 59 -4.60 -17.78 1.76
N PHE A 60 -5.30 -16.64 1.75
CA PHE A 60 -4.67 -15.36 2.07
C PHE A 60 -4.28 -15.35 3.52
N GLU A 61 -5.11 -15.97 4.35
CA GLU A 61 -4.86 -16.04 5.77
C GLU A 61 -3.65 -16.93 6.06
N TRP A 62 -3.58 -18.09 5.41
CA TRP A 62 -2.43 -19.00 5.63
C TRP A 62 -1.13 -18.42 5.07
N TYR A 63 -1.26 -17.55 4.07
CA TYR A 63 -0.07 -16.91 3.50
C TYR A 63 0.58 -16.02 4.58
N MET A 64 -0.25 -15.23 5.26
CA MET A 64 0.25 -14.34 6.32
C MET A 64 0.84 -15.12 7.49
N VAL A 65 0.20 -16.23 7.85
CA VAL A 65 0.72 -17.12 8.89
C VAL A 65 2.11 -17.67 8.55
N ILE A 66 2.27 -18.19 7.32
CA ILE A 66 3.55 -18.76 6.93
C ILE A 66 4.62 -17.68 6.92
N MET A 67 4.28 -16.53 6.34
CA MET A 67 5.24 -15.44 6.23
C MET A 67 5.62 -14.94 7.62
N PHE A 68 4.64 -14.86 8.51
CA PHE A 68 4.92 -14.53 9.90
C PHE A 68 5.90 -15.55 10.51
N GLY A 69 5.65 -16.84 10.27
CA GLY A 69 6.59 -17.85 10.75
C GLY A 69 7.99 -17.62 10.21
N GLY A 70 8.07 -17.25 8.94
CA GLY A 70 9.36 -16.98 8.31
C GLY A 70 10.17 -15.93 9.05
N TRP A 71 9.47 -14.93 9.58
CA TRP A 71 10.13 -13.86 10.34
C TRP A 71 10.93 -14.41 11.53
N PHE A 72 10.39 -15.41 12.19
CA PHE A 72 11.05 -16.02 13.35
C PHE A 72 12.26 -16.81 12.88
N TRP A 73 12.08 -17.58 11.82
CA TRP A 73 13.18 -18.27 11.17
C TRP A 73 14.33 -17.32 10.79
N LEU A 74 14.01 -16.12 10.32
CA LEU A 74 15.04 -15.17 9.94
C LEU A 74 15.72 -14.58 11.16
N VAL A 75 14.93 -14.33 12.21
CA VAL A 75 15.45 -13.69 13.42
C VAL A 75 16.27 -14.66 14.29
N PHE A 76 15.92 -15.94 14.24
CA PHE A 76 16.54 -16.94 15.10
C PHE A 76 17.29 -18.03 14.33
N GLY A 77 17.18 -18.03 13.01
CA GLY A 77 17.78 -19.09 12.21
C GLY A 77 19.21 -18.82 11.75
N ARG A 78 19.68 -19.66 10.84
CA ARG A 78 21.09 -19.66 10.45
C ARG A 78 21.51 -18.33 9.84
N TYR A 79 20.55 -17.57 9.31
CA TYR A 79 20.91 -16.34 8.62
C TYR A 79 20.89 -15.09 9.48
N ALA A 80 20.46 -15.24 10.74
CA ALA A 80 20.24 -14.08 11.60
C ALA A 80 21.39 -13.07 11.60
N LYS A 81 22.61 -13.59 11.61
CA LYS A 81 23.80 -12.75 11.74
C LYS A 81 24.43 -12.36 10.40
N LYS A 82 23.96 -12.93 9.30
CA LYS A 82 24.47 -12.57 7.98
C LYS A 82 24.28 -11.07 7.73
N ARG A 83 25.30 -10.44 7.17
CA ARG A 83 25.22 -9.02 6.84
C ARG A 83 24.72 -8.87 5.41
N LEU A 84 23.93 -7.84 5.15
CA LEU A 84 23.39 -7.61 3.83
C LEU A 84 24.26 -6.54 3.19
N GLY A 85 25.38 -6.97 2.61
CA GLY A 85 26.44 -6.07 2.18
C GLY A 85 27.44 -5.92 3.32
N ASP A 86 28.72 -6.17 3.04
CA ASP A 86 29.74 -6.10 4.09
C ASP A 86 30.07 -4.66 4.51
N GLU A 87 29.60 -3.69 3.74
CA GLU A 87 29.80 -2.28 4.07
C GLU A 87 29.02 -1.85 5.31
N LYS A 88 29.36 -0.68 5.83
CA LYS A 88 28.66 -0.13 6.97
C LYS A 88 27.36 0.51 6.51
N PRO A 89 26.31 0.45 7.35
CA PRO A 89 25.04 1.06 6.94
C PRO A 89 25.24 2.50 6.49
N GLU A 90 24.50 2.90 5.48
CA GLU A 90 24.62 4.22 4.87
C GLU A 90 23.75 5.24 5.58
N PHE A 91 23.12 4.81 6.67
CA PHE A 91 22.31 5.71 7.47
C PHE A 91 22.59 5.41 8.93
N SER A 92 22.41 6.40 9.79
CA SER A 92 22.42 6.17 11.22
C SER A 92 21.15 5.40 11.54
N THR A 93 21.19 4.61 12.61
CA THR A 93 20.04 3.81 12.99
C THR A 93 18.78 4.67 13.14
N ALA A 94 18.98 5.94 13.50
CA ALA A 94 17.85 6.86 13.70
C ALA A 94 17.23 7.30 12.39
N SER A 95 18.06 7.66 11.44
CA SER A 95 17.57 8.11 10.13
C SER A 95 16.96 6.95 9.38
N TRP A 96 17.38 5.75 9.76
CA TRP A 96 16.89 4.53 9.14
C TRP A 96 15.45 4.28 9.60
N ILE A 97 15.22 4.36 10.91
CA ILE A 97 13.86 4.25 11.45
C ILE A 97 12.98 5.38 10.94
N PHE A 98 13.51 6.60 10.99
CA PHE A 98 12.77 7.75 10.52
C PHE A 98 12.28 7.55 9.08
N MET A 99 13.10 6.88 8.26
CA MET A 99 12.73 6.66 6.88
C MET A 99 11.58 5.66 6.72
N MET A 100 11.49 4.69 7.62
CA MET A 100 10.36 3.77 7.62
C MET A 100 9.16 4.49 8.19
N PHE A 101 9.37 5.04 9.39
CA PHE A 101 8.39 5.81 10.13
C PHE A 101 7.80 6.93 9.28
N ALA A 102 8.46 7.22 8.16
CA ALA A 102 8.04 8.28 7.26
C ALA A 102 7.24 7.75 6.09
N SER A 103 7.64 6.60 5.58
CA SER A 103 6.95 5.93 4.48
C SER A 103 5.52 5.56 4.85
N CYS A 104 5.17 5.66 6.13
CA CYS A 104 3.82 5.31 6.57
C CYS A 104 2.80 6.39 6.20
N THR A 105 3.30 7.62 6.05
CA THR A 105 2.49 8.76 5.65
C THR A 105 1.94 8.59 4.23
N SER A 106 0.62 8.63 4.11
CA SER A 106 -0.02 8.44 2.82
C SER A 106 -1.45 8.91 2.90
N ALA A 107 -2.11 9.05 1.75
CA ALA A 107 -3.52 9.43 1.74
C ALA A 107 -4.41 8.24 2.07
N ALA A 108 -4.09 7.08 1.52
CA ALA A 108 -4.84 5.85 1.78
C ALA A 108 -4.88 5.53 3.28
N VAL A 109 -3.80 5.89 3.96
CA VAL A 109 -3.69 5.64 5.38
C VAL A 109 -4.63 6.55 6.18
N LEU A 110 -4.76 7.79 5.74
CA LEU A 110 -5.66 8.73 6.39
C LEU A 110 -7.10 8.31 6.14
N PHE A 111 -7.34 7.69 4.99
CA PHE A 111 -8.66 7.20 4.64
C PHE A 111 -9.03 6.08 5.60
N TRP A 112 -8.30 4.95 5.53
CA TRP A 112 -8.65 3.80 6.36
C TRP A 112 -8.43 4.10 7.83
N GLY A 113 -7.36 4.82 8.17
CA GLY A 113 -7.16 5.22 9.55
C GLY A 113 -8.34 5.94 10.18
N SER A 114 -9.04 6.76 9.40
CA SER A 114 -10.14 7.58 9.91
C SER A 114 -11.48 6.88 9.99
N ILE A 115 -11.68 5.88 9.15
CA ILE A 115 -13.03 5.33 9.02
C ILE A 115 -13.20 3.87 9.38
N GLU A 116 -12.13 3.07 9.36
CA GLU A 116 -12.33 1.62 9.49
C GLU A 116 -12.96 1.25 10.84
N ILE A 117 -12.62 2.00 11.88
CA ILE A 117 -13.22 1.76 13.19
C ILE A 117 -14.73 1.92 13.21
N TYR A 118 -15.28 2.84 12.40
CA TYR A 118 -16.73 3.00 12.32
C TYR A 118 -17.37 1.71 11.83
N TYR A 119 -16.77 1.09 10.82
CA TYR A 119 -17.26 -0.19 10.33
C TYR A 119 -17.10 -1.33 11.34
N TYR A 120 -15.99 -1.37 12.06
CA TYR A 120 -15.75 -2.46 12.98
C TYR A 120 -16.82 -2.39 14.10
N ILE A 121 -17.14 -1.17 14.49
CA ILE A 121 -18.01 -0.87 15.62
C ILE A 121 -19.48 -1.05 15.27
N SER A 122 -19.83 -0.81 14.02
CA SER A 122 -21.23 -0.89 13.61
C SER A 122 -21.60 -2.27 13.06
N SER A 123 -20.63 -2.98 12.52
CA SER A 123 -20.85 -4.34 12.05
C SER A 123 -19.69 -5.21 12.52
N PRO A 124 -19.72 -5.54 13.81
CA PRO A 124 -18.63 -6.14 14.60
C PRO A 124 -18.33 -7.59 14.21
N PRO A 125 -17.11 -8.05 14.52
CA PRO A 125 -16.78 -9.47 14.33
C PRO A 125 -17.35 -10.30 15.45
N PHE A 126 -17.21 -11.62 15.33
CA PHE A 126 -17.50 -12.55 16.42
C PHE A 126 -18.96 -12.50 16.89
N GLY A 127 -19.85 -12.03 16.01
CA GLY A 127 -21.26 -11.96 16.31
C GLY A 127 -21.65 -10.97 17.39
N MET A 128 -20.75 -10.06 17.73
CA MET A 128 -21.08 -9.04 18.72
C MET A 128 -22.20 -8.14 18.17
N GLU A 129 -22.85 -7.39 19.05
CA GLU A 129 -23.88 -6.46 18.64
C GLU A 129 -23.28 -5.12 18.21
N GLY A 130 -23.76 -4.59 17.09
CA GLY A 130 -23.37 -3.26 16.63
C GLY A 130 -23.45 -2.22 17.72
N TYR A 131 -22.38 -1.45 17.91
CA TYR A 131 -22.39 -0.30 18.82
C TYR A 131 -22.35 -0.72 20.27
N SER A 132 -22.31 -2.02 20.53
CA SER A 132 -22.20 -2.45 21.92
C SER A 132 -20.83 -2.11 22.49
N ALA A 133 -20.72 -2.13 23.81
CA ALA A 133 -19.45 -1.93 24.48
C ALA A 133 -18.36 -2.90 23.98
N PRO A 134 -18.68 -4.19 23.86
CA PRO A 134 -17.66 -5.13 23.42
C PRO A 134 -17.21 -4.90 21.99
N ALA A 135 -18.12 -4.39 21.14
CA ALA A 135 -17.73 -4.02 19.78
C ALA A 135 -16.77 -2.84 19.82
N LYS A 136 -17.01 -1.91 20.73
CA LYS A 136 -16.15 -0.75 20.82
C LYS A 136 -14.80 -1.12 21.41
N GLU A 137 -14.78 -2.14 22.24
CA GLU A 137 -13.57 -2.51 22.95
C GLU A 137 -12.65 -3.34 22.08
N ILE A 138 -13.15 -3.82 20.96
CA ILE A 138 -12.31 -4.61 20.08
C ILE A 138 -11.96 -3.84 18.83
N GLY A 139 -12.61 -2.70 18.63
CA GLY A 139 -12.46 -1.92 17.43
C GLY A 139 -11.06 -1.48 17.04
N LEU A 140 -10.39 -0.76 17.95
CA LEU A 140 -9.01 -0.36 17.69
C LEU A 140 -8.09 -1.57 17.66
N ALA A 141 -8.33 -2.54 18.55
CA ALA A 141 -7.49 -3.75 18.58
C ALA A 141 -7.37 -4.37 17.20
N TYR A 142 -8.47 -4.31 16.45
CA TYR A 142 -8.53 -4.92 15.13
C TYR A 142 -7.74 -4.08 14.11
N SER A 143 -7.62 -2.77 14.36
CA SER A 143 -6.67 -1.93 13.60
C SER A 143 -5.25 -2.25 13.97
N LEU A 144 -5.01 -2.47 15.26
CA LEU A 144 -3.66 -2.75 15.74
C LEU A 144 -3.17 -4.07 15.14
N PHE A 145 -4.12 -4.94 14.82
CA PHE A 145 -3.88 -6.22 14.17
C PHE A 145 -3.65 -6.10 12.66
N HIS A 146 -4.57 -5.45 11.95
CA HIS A 146 -4.49 -5.34 10.49
C HIS A 146 -3.35 -4.41 10.05
N TRP A 147 -2.95 -3.49 10.91
CA TRP A 147 -1.85 -2.57 10.58
C TRP A 147 -0.78 -2.61 11.63
N GLY A 148 -0.52 -3.78 12.20
CA GLY A 148 0.49 -3.89 13.25
C GLY A 148 1.72 -4.72 12.96
N PRO A 149 2.35 -5.24 14.01
CA PRO A 149 3.64 -5.97 13.87
C PRO A 149 3.49 -7.27 13.08
N LEU A 150 2.33 -7.90 13.14
CA LEU A 150 2.17 -9.15 12.38
C LEU A 150 2.23 -8.92 10.84
N PRO A 151 1.40 -8.02 10.29
CA PRO A 151 1.52 -7.77 8.85
C PRO A 151 2.90 -7.27 8.43
N TRP A 152 3.49 -6.33 9.18
CA TRP A 152 4.84 -5.85 8.88
C TRP A 152 5.88 -6.99 8.92
N ALA A 153 5.71 -7.94 9.84
CA ALA A 153 6.68 -9.03 9.91
C ALA A 153 6.61 -9.88 8.66
N THR A 154 5.47 -9.87 7.96
CA THR A 154 5.33 -10.71 6.77
C THR A 154 6.07 -10.14 5.56
N TYR A 155 6.63 -8.94 5.71
CA TYR A 155 7.39 -8.31 4.65
C TYR A 155 8.86 -8.64 4.81
N SER A 156 9.21 -9.22 5.95
CA SER A 156 10.61 -9.46 6.28
C SER A 156 11.29 -10.44 5.33
N PHE A 157 10.58 -11.48 4.91
CA PHE A 157 11.16 -12.47 4.02
C PHE A 157 11.53 -11.82 2.69
N LEU A 158 10.64 -10.97 2.19
CA LEU A 158 10.86 -10.34 0.91
C LEU A 158 11.90 -9.23 1.01
N SER A 159 11.87 -8.49 2.13
CA SER A 159 12.84 -7.42 2.33
C SER A 159 14.26 -7.96 2.44
N VAL A 160 14.40 -9.10 3.12
CA VAL A 160 15.70 -9.74 3.27
C VAL A 160 16.15 -10.34 1.94
N ALA A 161 15.21 -10.97 1.24
CA ALA A 161 15.47 -11.53 -0.08
C ALA A 161 16.01 -10.46 -1.03
N PHE A 162 15.36 -9.30 -1.08
CA PHE A 162 15.81 -8.26 -1.99
C PHE A 162 17.14 -7.63 -1.60
N ALA A 163 17.41 -7.54 -0.30
CA ALA A 163 18.64 -6.92 0.15
C ALA A 163 19.79 -7.91 -0.09
N TYR A 164 19.44 -9.19 -0.12
CA TYR A 164 20.40 -10.24 -0.39
C TYR A 164 20.74 -10.21 -1.89
N PHE A 165 19.71 -10.09 -2.72
CA PHE A 165 19.91 -9.94 -4.15
C PHE A 165 20.68 -8.65 -4.48
N PHE A 166 20.29 -7.53 -3.89
CA PHE A 166 20.98 -6.29 -4.21
C PHE A 166 22.42 -6.29 -3.70
N PHE A 167 22.63 -6.74 -2.46
CA PHE A 167 23.88 -6.43 -1.76
C PHE A 167 24.83 -7.58 -1.49
N VAL A 168 24.34 -8.82 -1.61
CA VAL A 168 25.24 -9.97 -1.50
C VAL A 168 25.52 -10.56 -2.88
N ARG A 169 24.48 -10.64 -3.71
CA ARG A 169 24.60 -11.16 -5.06
C ARG A 169 24.92 -10.04 -6.05
N LYS A 170 24.81 -8.80 -5.59
CA LYS A 170 25.05 -7.64 -6.45
C LYS A 170 24.33 -7.81 -7.79
N MET A 171 23.02 -8.05 -7.75
CA MET A 171 22.26 -8.10 -8.99
C MET A 171 21.43 -6.84 -9.11
N GLU A 172 21.31 -6.32 -10.31
CA GLU A 172 20.33 -5.28 -10.55
C GLU A 172 19.00 -5.97 -10.78
N VAL A 173 18.06 -5.70 -9.88
CA VAL A 173 16.72 -6.26 -9.98
C VAL A 173 15.74 -5.10 -10.17
N ILE A 174 14.90 -5.20 -11.20
CA ILE A 174 13.81 -4.26 -11.36
C ILE A 174 12.50 -5.02 -11.33
N ARG A 175 12.41 -6.04 -12.20
CA ARG A 175 11.22 -6.85 -12.31
C ARG A 175 11.37 -8.16 -11.53
N PRO A 176 10.27 -8.63 -10.93
CA PRO A 176 10.21 -9.87 -10.15
C PRO A 176 10.96 -11.01 -10.86
N SER A 177 10.75 -11.08 -12.17
CA SER A 177 11.31 -12.15 -13.00
C SER A 177 12.80 -12.33 -12.77
N SER A 178 13.50 -11.22 -12.55
CA SER A 178 14.96 -11.23 -12.44
C SER A 178 15.51 -11.94 -11.21
N THR A 179 14.64 -12.32 -10.28
CA THR A 179 15.12 -12.97 -9.05
C THR A 179 14.88 -14.46 -9.11
N LEU A 180 14.12 -14.90 -10.11
CA LEU A 180 13.67 -16.29 -10.19
C LEU A 180 14.65 -17.29 -10.82
N VAL A 181 15.81 -16.82 -11.27
CA VAL A 181 16.77 -17.69 -11.95
C VAL A 181 17.17 -18.92 -11.12
N PRO A 182 17.46 -18.74 -9.81
CA PRO A 182 17.79 -19.91 -8.99
C PRO A 182 16.63 -20.88 -8.92
N LEU A 183 15.42 -20.41 -9.20
CA LEU A 183 14.23 -21.23 -9.01
C LEU A 183 13.79 -21.98 -10.26
N VAL A 184 13.78 -21.29 -11.40
CA VAL A 184 13.27 -21.90 -12.63
C VAL A 184 14.30 -21.94 -13.78
N GLY A 185 15.44 -21.28 -13.61
CA GLY A 185 16.47 -21.27 -14.64
C GLY A 185 16.37 -20.08 -15.59
N GLU A 186 17.46 -19.80 -16.31
CA GLU A 186 17.52 -18.64 -17.19
C GLU A 186 16.59 -18.76 -18.39
N LYS A 187 16.46 -19.97 -18.90
CA LYS A 187 15.54 -20.22 -20.00
C LYS A 187 14.15 -19.71 -19.62
N HIS A 188 13.59 -20.23 -18.54
CA HIS A 188 12.26 -19.81 -18.12
C HIS A 188 12.19 -18.33 -17.78
N VAL A 189 13.18 -17.83 -17.04
CA VAL A 189 13.21 -16.41 -16.69
C VAL A 189 13.13 -15.52 -17.92
N ASN A 190 14.02 -15.77 -18.89
CA ASN A 190 14.09 -14.93 -20.08
C ASN A 190 13.02 -15.26 -21.12
N GLY A 191 12.40 -16.43 -20.98
CA GLY A 191 11.36 -16.85 -21.90
C GLY A 191 9.96 -16.40 -21.53
N LEU A 192 8.97 -17.26 -21.79
CA LEU A 192 7.57 -16.90 -21.63
C LEU A 192 7.13 -16.83 -20.15
N PHE A 193 7.53 -17.83 -19.38
CA PHE A 193 7.30 -17.85 -17.93
C PHE A 193 7.63 -16.50 -17.27
N GLY A 194 8.85 -16.02 -17.48
CA GLY A 194 9.30 -14.78 -16.86
C GLY A 194 8.54 -13.58 -17.40
N THR A 195 7.97 -13.74 -18.58
CA THR A 195 7.25 -12.64 -19.21
C THR A 195 5.84 -12.55 -18.66
N VAL A 196 5.20 -13.71 -18.51
CA VAL A 196 3.88 -13.75 -17.92
C VAL A 196 3.94 -13.22 -16.49
N VAL A 197 4.86 -13.75 -15.70
CA VAL A 197 5.03 -13.33 -14.33
C VAL A 197 5.11 -11.81 -14.23
N ASP A 198 6.02 -11.21 -15.01
CA ASP A 198 6.24 -9.77 -14.98
C ASP A 198 5.03 -8.97 -15.48
N ASN A 199 4.25 -9.57 -16.37
CA ASN A 199 3.06 -8.91 -16.89
C ASN A 199 1.89 -8.96 -15.91
N PHE A 200 1.70 -10.09 -15.26
CA PHE A 200 0.71 -10.21 -14.19
C PHE A 200 1.03 -9.22 -13.08
N TYR A 201 2.30 -9.14 -12.73
CA TYR A 201 2.74 -8.22 -11.69
C TYR A 201 2.40 -6.78 -12.05
N LEU A 202 2.74 -6.39 -13.27
CA LEU A 202 2.56 -5.00 -13.71
C LEU A 202 1.09 -4.61 -13.74
N VAL A 203 0.25 -5.54 -14.20
CA VAL A 203 -1.19 -5.30 -14.22
C VAL A 203 -1.73 -5.08 -12.79
N ALA A 204 -1.36 -5.99 -11.88
CA ALA A 204 -1.77 -5.86 -10.49
C ALA A 204 -1.32 -4.54 -9.93
N LEU A 205 -0.07 -4.17 -10.21
CA LEU A 205 0.47 -2.91 -9.73
C LEU A 205 -0.26 -1.69 -10.28
N ILE A 206 -0.65 -1.78 -11.54
CA ILE A 206 -1.29 -0.65 -12.19
C ILE A 206 -2.65 -0.43 -11.55
N LEU A 207 -3.40 -1.51 -11.39
CA LEU A 207 -4.69 -1.44 -10.73
C LEU A 207 -4.58 -0.87 -9.32
N ALA A 208 -3.59 -1.36 -8.58
CA ALA A 208 -3.34 -0.93 -7.21
C ALA A 208 -3.04 0.55 -7.14
N MET A 209 -2.27 1.04 -8.09
CA MET A 209 -1.94 2.46 -8.16
C MET A 209 -3.18 3.30 -8.43
N GLY A 210 -4.04 2.82 -9.32
CA GLY A 210 -5.31 3.47 -9.57
C GLY A 210 -6.13 3.58 -8.30
N THR A 211 -6.15 2.52 -7.50
CA THR A 211 -6.95 2.54 -6.27
C THR A 211 -6.44 3.60 -5.31
N SER A 212 -5.11 3.79 -5.28
CA SER A 212 -4.56 4.85 -4.44
C SER A 212 -5.13 6.19 -4.84
N LEU A 213 -5.16 6.45 -6.14
CA LEU A 213 -5.78 7.65 -6.66
C LEU A 213 -7.24 7.67 -6.27
N GLY A 214 -7.95 6.59 -6.56
CA GLY A 214 -9.38 6.51 -6.27
C GLY A 214 -9.74 6.83 -4.83
N LEU A 215 -8.80 6.65 -3.91
CA LEU A 215 -9.04 6.95 -2.50
C LEU A 215 -8.55 8.36 -2.14
N ALA A 216 -7.43 8.77 -2.73
CA ALA A 216 -6.82 10.05 -2.35
C ALA A 216 -7.61 11.21 -2.92
N THR A 217 -8.08 11.06 -4.15
CA THR A 217 -8.79 12.12 -4.87
C THR A 217 -10.03 12.65 -4.13
N PRO A 218 -10.98 11.76 -3.78
CA PRO A 218 -12.17 12.23 -3.05
C PRO A 218 -11.85 12.89 -1.72
N LEU A 219 -10.72 12.55 -1.09
CA LEU A 219 -10.39 13.20 0.17
C LEU A 219 -10.04 14.67 -0.10
N VAL A 220 -9.25 14.88 -1.16
CA VAL A 220 -8.79 16.22 -1.52
C VAL A 220 -9.98 17.12 -1.94
N THR A 221 -10.87 16.59 -2.76
CA THR A 221 -12.03 17.33 -3.20
C THR A 221 -13.07 17.58 -2.09
N GLU A 222 -13.18 16.69 -1.11
CA GLU A 222 -14.03 16.99 0.05
C GLU A 222 -13.42 18.13 0.86
N CYS A 223 -12.08 18.14 0.96
CA CYS A 223 -11.36 19.23 1.61
C CYS A 223 -11.58 20.54 0.86
N ILE A 224 -11.61 20.45 -0.47
CA ILE A 224 -11.81 21.61 -1.34
C ILE A 224 -13.23 22.16 -1.20
N GLN A 225 -14.20 21.26 -1.23
CA GLN A 225 -15.59 21.63 -0.98
C GLN A 225 -15.75 22.31 0.38
N TYR A 226 -15.13 21.73 1.41
CA TYR A 226 -15.23 22.30 2.74
C TYR A 226 -14.59 23.69 2.84
N LEU A 227 -13.41 23.83 2.23
CA LEU A 227 -12.62 25.04 2.43
C LEU A 227 -13.03 26.22 1.53
N PHE A 228 -13.37 25.91 0.28
CA PHE A 228 -13.57 26.93 -0.75
C PHE A 228 -15.02 27.00 -1.24
N GLY A 229 -15.81 25.99 -0.91
CA GLY A 229 -17.21 25.94 -1.28
C GLY A 229 -17.49 25.33 -2.63
N ILE A 230 -16.44 24.84 -3.30
CA ILE A 230 -16.63 24.24 -4.61
C ILE A 230 -17.22 22.84 -4.48
N PRO A 231 -18.43 22.63 -5.04
CA PRO A 231 -19.12 21.36 -4.84
C PRO A 231 -18.32 20.16 -5.33
N HIS A 232 -18.30 19.08 -4.54
CA HIS A 232 -17.62 17.87 -4.93
C HIS A 232 -18.41 17.12 -5.99
N THR A 233 -17.86 17.05 -7.20
CA THR A 233 -18.47 16.29 -8.29
C THR A 233 -17.44 15.40 -8.96
N LEU A 234 -17.92 14.49 -9.80
CA LEU A 234 -17.04 13.64 -10.57
C LEU A 234 -16.12 14.46 -11.48
N GLN A 235 -16.61 15.63 -11.88
CA GLN A 235 -15.84 16.53 -12.75
C GLN A 235 -14.73 17.24 -11.98
N LEU A 236 -15.01 17.64 -10.75
CA LEU A 236 -13.98 18.23 -9.91
C LEU A 236 -12.86 17.20 -9.72
N ASP A 237 -13.25 15.94 -9.55
CA ASP A 237 -12.28 14.85 -9.37
C ASP A 237 -11.41 14.66 -10.62
N ALA A 238 -12.04 14.71 -11.80
CA ALA A 238 -11.29 14.59 -13.04
C ALA A 238 -10.36 15.79 -13.23
N ILE A 239 -10.74 16.94 -12.67
CA ILE A 239 -9.93 18.14 -12.79
C ILE A 239 -8.69 18.05 -11.91
N ILE A 240 -8.87 17.61 -10.67
CA ILE A 240 -7.77 17.49 -9.73
C ILE A 240 -6.77 16.43 -10.19
N ILE A 241 -7.29 15.29 -10.64
CA ILE A 241 -6.46 14.24 -11.20
C ILE A 241 -5.60 14.78 -12.36
N SER A 242 -6.20 15.64 -13.19
CA SER A 242 -5.49 16.26 -14.29
C SER A 242 -4.35 17.13 -13.76
N CYS A 243 -4.64 17.93 -12.76
CA CYS A 243 -3.63 18.80 -12.17
C CYS A 243 -2.43 18.02 -11.64
N TRP A 244 -2.71 16.86 -11.05
CA TRP A 244 -1.63 16.02 -10.54
C TRP A 244 -0.77 15.54 -11.70
N ILE A 245 -1.43 15.06 -12.75
CA ILE A 245 -0.73 14.61 -13.95
C ILE A 245 0.15 15.72 -14.54
N LEU A 246 -0.43 16.91 -14.69
CA LEU A 246 0.33 18.05 -15.21
C LEU A 246 1.48 18.40 -14.28
N LEU A 247 1.18 18.52 -12.99
CA LEU A 247 2.22 18.76 -12.00
C LEU A 247 3.34 17.73 -12.14
N ASN A 248 2.96 16.46 -12.21
CA ASN A 248 3.96 15.41 -12.37
C ASN A 248 4.75 15.65 -13.64
N ALA A 249 4.03 15.92 -14.73
CA ALA A 249 4.66 16.13 -16.04
C ALA A 249 5.68 17.27 -16.00
N ILE A 250 5.32 18.36 -15.34
CA ILE A 250 6.25 19.48 -15.17
C ILE A 250 7.44 19.12 -14.30
N CYS A 251 7.19 18.31 -13.26
CA CYS A 251 8.26 17.90 -12.36
C CYS A 251 9.24 16.94 -13.04
N VAL A 252 8.70 16.02 -13.83
CA VAL A 252 9.52 15.06 -14.55
C VAL A 252 10.27 15.72 -15.72
N ALA A 253 9.53 16.46 -16.54
CA ALA A 253 10.11 17.10 -17.72
C ALA A 253 11.30 18.00 -17.36
N PHE A 254 11.15 18.80 -16.32
CA PHE A 254 12.21 19.71 -15.89
C PHE A 254 13.10 19.09 -14.83
N GLY A 255 12.93 17.79 -14.60
CA GLY A 255 13.76 17.04 -13.67
C GLY A 255 13.89 17.67 -12.29
N LEU A 256 12.76 17.99 -11.66
CA LEU A 256 12.79 18.58 -10.33
C LEU A 256 12.80 17.54 -9.21
N GLN A 257 13.71 16.58 -9.29
CA GLN A 257 13.86 15.58 -8.23
C GLN A 257 14.08 16.26 -6.88
N LYS A 258 14.95 17.26 -6.87
CA LYS A 258 15.23 18.01 -5.65
C LYS A 258 13.94 18.47 -4.98
N GLY A 259 13.09 19.18 -5.73
CA GLY A 259 11.87 19.75 -5.19
C GLY A 259 10.88 18.71 -4.71
N VAL A 260 10.72 17.64 -5.48
CA VAL A 260 9.83 16.55 -5.10
C VAL A 260 10.28 15.94 -3.78
N LYS A 261 11.59 15.77 -3.61
CA LYS A 261 12.14 15.22 -2.38
C LYS A 261 11.83 16.12 -1.18
N ILE A 262 11.94 17.42 -1.38
CA ILE A 262 11.62 18.37 -0.34
C ILE A 262 10.12 18.26 0.01
N ALA A 263 9.29 18.12 -1.02
CA ALA A 263 7.85 17.94 -0.81
C ALA A 263 7.62 16.70 0.05
N SER A 264 8.36 15.64 -0.28
CA SER A 264 8.31 14.41 0.49
C SER A 264 8.65 14.67 1.95
N ASP A 265 9.62 15.53 2.20
CA ASP A 265 9.99 15.88 3.57
C ASP A 265 8.89 16.67 4.27
N VAL A 266 8.25 17.58 3.53
CA VAL A 266 7.20 18.38 4.12
C VAL A 266 6.01 17.52 4.52
N ARG A 267 5.60 16.61 3.63
CA ARG A 267 4.50 15.71 3.91
C ARG A 267 4.76 14.89 5.18
N THR A 268 5.99 14.41 5.31
CA THR A 268 6.39 13.65 6.48
C THR A 268 6.24 14.47 7.75
N TYR A 269 6.76 15.70 7.74
CA TYR A 269 6.67 16.55 8.93
C TYR A 269 5.27 17.09 9.20
N LEU A 270 4.51 17.29 8.13
CA LEU A 270 3.15 17.74 8.27
C LEU A 270 2.32 16.63 8.93
N SER A 271 2.53 15.39 8.47
CA SER A 271 1.90 14.21 9.07
C SER A 271 2.07 14.19 10.58
N PHE A 272 3.30 14.39 11.05
CA PHE A 272 3.58 14.36 12.46
C PHE A 272 2.80 15.47 13.15
N LEU A 273 2.85 16.66 12.56
CA LEU A 273 2.14 17.81 13.12
C LEU A 273 0.63 17.57 13.19
N MET A 274 0.06 17.06 12.10
CA MET A 274 -1.38 16.78 12.06
C MET A 274 -1.81 15.69 13.05
N LEU A 275 -1.02 14.62 13.17
CA LEU A 275 -1.38 13.54 14.10
C LEU A 275 -1.23 14.04 15.52
N GLY A 276 -0.15 14.78 15.77
CA GLY A 276 0.11 15.33 17.08
C GLY A 276 -0.98 16.28 17.50
N TRP A 277 -1.40 17.12 16.57
CA TRP A 277 -2.54 18.00 16.79
C TRP A 277 -3.82 17.22 17.12
N VAL A 278 -4.20 16.29 16.25
CA VAL A 278 -5.40 15.50 16.53
C VAL A 278 -5.33 14.85 17.90
N PHE A 279 -4.15 14.37 18.27
CA PHE A 279 -3.98 13.74 19.56
C PHE A 279 -4.19 14.74 20.69
N ILE A 280 -3.49 15.86 20.61
CA ILE A 280 -3.55 16.87 21.66
C ILE A 280 -4.96 17.45 21.86
N VAL A 281 -5.71 17.64 20.78
CA VAL A 281 -7.03 18.25 20.92
C VAL A 281 -8.20 17.29 20.70
N GLY A 282 -7.91 16.01 20.44
CA GLY A 282 -8.95 15.05 20.15
C GLY A 282 -9.36 14.18 21.33
N GLY A 283 -8.75 14.41 22.49
CA GLY A 283 -9.01 13.60 23.67
C GLY A 283 -7.81 12.74 24.01
N ALA A 284 -6.72 13.40 24.38
CA ALA A 284 -5.45 12.71 24.63
C ALA A 284 -5.60 11.60 25.67
N SER A 285 -6.22 11.93 26.79
CA SER A 285 -6.32 10.99 27.89
C SER A 285 -7.11 9.75 27.48
N PHE A 286 -8.24 9.95 26.79
CA PHE A 286 -9.00 8.82 26.28
C PHE A 286 -8.19 8.00 25.27
N ILE A 287 -7.37 8.67 24.47
CA ILE A 287 -6.64 8.00 23.41
C ILE A 287 -5.53 7.12 23.98
N VAL A 288 -4.80 7.65 24.95
CA VAL A 288 -3.80 6.87 25.68
C VAL A 288 -4.42 5.66 26.40
N ASN A 289 -5.57 5.87 27.03
CA ASN A 289 -6.24 4.82 27.78
C ASN A 289 -6.81 3.75 26.84
N TYR A 290 -7.40 4.20 25.74
CA TYR A 290 -8.01 3.30 24.77
C TYR A 290 -6.97 2.49 24.02
N PHE A 291 -5.82 3.10 23.74
CA PHE A 291 -4.72 2.41 23.09
C PHE A 291 -4.17 1.31 23.99
N THR A 292 -3.97 1.65 25.25
CA THR A 292 -3.42 0.72 26.24
C THR A 292 -4.31 -0.50 26.37
N ASP A 293 -5.60 -0.24 26.52
CA ASP A 293 -6.60 -1.30 26.64
C ASP A 293 -6.61 -2.19 25.38
N SER A 294 -6.45 -1.57 24.22
CA SER A 294 -6.53 -2.26 22.94
C SER A 294 -5.34 -3.16 22.66
N VAL A 295 -4.18 -2.82 23.20
CA VAL A 295 -3.02 -3.67 23.10
C VAL A 295 -3.27 -5.04 23.76
N GLY A 296 -3.85 -5.03 24.96
CA GLY A 296 -4.08 -6.24 25.71
C GLY A 296 -5.12 -7.08 25.03
N THR A 297 -6.12 -6.41 24.47
CA THR A 297 -7.17 -7.07 23.75
C THR A 297 -6.64 -7.67 22.45
N LEU A 298 -5.81 -6.92 21.74
CA LEU A 298 -5.11 -7.42 20.58
C LEU A 298 -4.29 -8.68 20.93
N LEU A 299 -3.52 -8.63 22.02
CA LEU A 299 -2.64 -9.76 22.35
C LEU A 299 -3.43 -11.02 22.64
N MET A 300 -4.58 -10.84 23.25
CA MET A 300 -5.42 -11.94 23.64
C MET A 300 -6.13 -12.59 22.44
N TYR A 301 -6.60 -11.75 21.53
CA TYR A 301 -7.40 -12.20 20.39
C TYR A 301 -6.60 -12.51 19.13
N MET A 302 -5.38 -12.04 19.09
CA MET A 302 -4.54 -12.20 17.91
C MET A 302 -4.63 -13.56 17.18
N PRO A 303 -4.46 -14.69 17.89
CA PRO A 303 -4.51 -16.01 17.22
C PRO A 303 -5.90 -16.26 16.61
N ARG A 304 -6.93 -15.87 17.34
CA ARG A 304 -8.29 -15.87 16.82
C ARG A 304 -8.47 -14.96 15.57
N MET A 305 -7.89 -13.76 15.59
CA MET A 305 -8.01 -12.86 14.45
C MET A 305 -7.25 -13.39 13.23
N LEU A 306 -6.10 -14.03 13.47
CA LEU A 306 -5.23 -14.52 12.41
C LEU A 306 -5.83 -15.64 11.56
N PHE A 307 -6.70 -16.43 12.16
CA PHE A 307 -7.23 -17.64 11.53
C PHE A 307 -8.77 -17.58 11.37
N TYR A 308 -9.32 -16.37 11.32
CA TYR A 308 -10.76 -16.17 11.36
C TYR A 308 -11.45 -16.27 10.00
N THR A 309 -12.44 -17.15 9.88
CA THR A 309 -13.19 -17.32 8.65
C THR A 309 -14.71 -17.27 8.84
N ASP A 310 -15.17 -17.30 10.09
CA ASP A 310 -16.60 -17.28 10.45
C ASP A 310 -17.46 -18.25 9.61
N PRO A 311 -17.19 -19.55 9.71
CA PRO A 311 -17.80 -20.52 8.77
C PRO A 311 -19.16 -21.00 9.25
N ILE A 312 -19.46 -20.80 10.53
CA ILE A 312 -20.73 -21.21 11.12
C ILE A 312 -21.74 -20.06 11.07
N GLY A 313 -21.38 -18.93 11.68
CA GLY A 313 -22.25 -17.77 11.74
C GLY A 313 -22.37 -17.07 10.39
N LYS A 314 -21.29 -17.13 9.61
CA LYS A 314 -21.26 -16.51 8.28
C LYS A 314 -21.62 -15.01 8.27
N GLY A 315 -21.30 -14.29 9.34
CA GLY A 315 -21.52 -12.86 9.38
C GLY A 315 -20.69 -12.09 8.35
N GLY A 316 -19.69 -12.74 7.76
CA GLY A 316 -18.88 -12.12 6.72
C GLY A 316 -17.75 -11.17 7.14
N PHE A 317 -17.52 -10.99 8.45
CA PHE A 317 -16.54 -10.00 8.89
C PHE A 317 -15.11 -10.20 8.33
N PRO A 318 -14.55 -11.42 8.45
CA PRO A 318 -13.18 -11.66 7.97
C PRO A 318 -13.04 -11.46 6.47
N GLN A 319 -14.07 -11.84 5.75
CA GLN A 319 -14.09 -11.70 4.30
C GLN A 319 -14.06 -10.24 3.88
N ALA A 320 -14.84 -9.41 4.57
CA ALA A 320 -14.95 -7.98 4.24
C ALA A 320 -13.69 -7.20 4.55
N TRP A 321 -12.98 -7.61 5.60
CA TRP A 321 -11.87 -6.81 6.11
C TRP A 321 -10.52 -7.50 6.05
N THR A 322 -10.36 -8.59 6.80
CA THR A 322 -9.08 -9.27 6.89
C THR A 322 -8.59 -9.75 5.52
N VAL A 323 -9.48 -10.40 4.77
CA VAL A 323 -9.08 -10.92 3.47
C VAL A 323 -8.72 -9.78 2.52
N PHE A 324 -9.56 -8.75 2.49
CA PHE A 324 -9.30 -7.56 1.68
C PHE A 324 -7.98 -6.90 2.08
N TYR A 325 -7.79 -6.63 3.37
CA TYR A 325 -6.53 -6.02 3.80
C TYR A 325 -5.30 -6.91 3.53
N TRP A 326 -5.47 -8.22 3.61
CA TRP A 326 -4.35 -9.13 3.39
C TRP A 326 -3.94 -9.07 1.91
N ALA A 327 -4.94 -8.94 1.03
CA ALA A 327 -4.71 -8.74 -0.40
C ALA A 327 -3.96 -7.43 -0.66
N TRP A 328 -4.34 -6.39 0.09
CA TRP A 328 -3.64 -5.12 0.05
C TRP A 328 -2.19 -5.33 0.47
N TRP A 329 -1.98 -6.03 1.58
CA TRP A 329 -0.61 -6.31 2.01
C TRP A 329 0.18 -7.08 0.95
N VAL A 330 -0.45 -8.08 0.35
CA VAL A 330 0.20 -8.94 -0.63
C VAL A 330 0.56 -8.19 -1.91
N ILE A 331 -0.32 -7.28 -2.33
CA ILE A 331 -0.13 -6.51 -3.54
C ILE A 331 1.08 -5.60 -3.43
N TYR A 332 1.27 -5.00 -2.26
CA TYR A 332 2.38 -4.04 -2.08
C TYR A 332 3.66 -4.62 -1.51
N ALA A 333 3.72 -5.93 -1.32
CA ALA A 333 4.87 -6.54 -0.64
C ALA A 333 6.19 -6.34 -1.38
N ILE A 334 6.21 -6.68 -2.67
CA ILE A 334 7.46 -6.59 -3.42
C ILE A 334 7.94 -5.13 -3.46
N GLN A 335 7.01 -4.24 -3.78
CA GLN A 335 7.35 -2.83 -3.88
C GLN A 335 7.93 -2.27 -2.58
N MET A 336 7.22 -2.49 -1.47
CA MET A 336 7.66 -2.04 -0.16
C MET A 336 8.97 -2.71 0.26
N SER A 337 9.10 -4.01 -0.02
CA SER A 337 10.29 -4.73 0.40
C SER A 337 11.54 -4.24 -0.34
N ILE A 338 11.37 -3.85 -1.61
CA ILE A 338 12.51 -3.33 -2.37
C ILE A 338 12.97 -2.04 -1.69
N PHE A 339 12.01 -1.18 -1.35
CA PHE A 339 12.35 0.08 -0.69
C PHE A 339 13.01 -0.13 0.68
N LEU A 340 12.53 -1.11 1.44
CA LEU A 340 13.15 -1.43 2.72
C LEU A 340 14.56 -1.99 2.54
N ALA A 341 14.72 -2.83 1.51
CA ALA A 341 16.03 -3.38 1.18
C ALA A 341 17.03 -2.25 0.88
N ARG A 342 16.61 -1.29 0.05
CA ARG A 342 17.50 -0.22 -0.40
C ARG A 342 18.08 0.63 0.73
N ILE A 343 17.28 0.86 1.76
CA ILE A 343 17.72 1.72 2.85
C ILE A 343 18.39 0.90 3.93
N SER A 344 18.71 -0.36 3.61
CA SER A 344 19.18 -1.27 4.64
C SER A 344 20.52 -1.95 4.38
N LYS A 345 21.29 -1.45 3.41
CA LYS A 345 22.61 -2.02 3.13
C LYS A 345 23.48 -2.01 4.38
N GLY A 346 24.20 -3.12 4.60
CA GLY A 346 25.08 -3.21 5.74
C GLY A 346 24.44 -3.70 7.02
N ARG A 347 23.11 -3.77 7.04
CA ARG A 347 22.46 -4.28 8.23
CA ARG A 347 22.39 -4.29 8.21
C ARG A 347 22.42 -5.81 8.20
N THR A 348 22.37 -6.42 9.37
CA THR A 348 22.23 -7.87 9.45
C THR A 348 20.76 -8.26 9.22
N VAL A 349 20.54 -9.52 8.88
CA VAL A 349 19.22 -10.05 8.67
C VAL A 349 18.31 -9.78 9.87
N ARG A 350 18.80 -10.11 11.06
CA ARG A 350 18.03 -9.96 12.29
C ARG A 350 17.79 -8.49 12.60
N GLU A 351 18.78 -7.67 12.30
CA GLU A 351 18.65 -6.24 12.50
C GLU A 351 17.53 -5.67 11.63
N LEU A 352 17.50 -6.10 10.37
CA LEU A 352 16.49 -5.66 9.43
C LEU A 352 15.10 -6.09 9.91
N CYS A 353 14.99 -7.32 10.38
CA CYS A 353 13.70 -7.86 10.82
C CYS A 353 13.15 -7.18 12.07
N LEU A 354 14.03 -6.86 13.01
CA LEU A 354 13.62 -6.23 14.26
C LEU A 354 13.33 -4.74 14.06
N GLY A 355 14.21 -4.06 13.35
CA GLY A 355 14.07 -2.64 13.13
C GLY A 355 12.86 -2.27 12.28
N MET A 356 12.69 -2.95 11.15
CA MET A 356 11.56 -2.64 10.30
C MET A 356 10.23 -2.88 11.02
N VAL A 357 10.14 -3.97 11.78
CA VAL A 357 8.90 -4.26 12.46
C VAL A 357 8.67 -3.23 13.57
N SER A 358 9.73 -2.77 14.22
CA SER A 358 9.62 -1.77 15.28
C SER A 358 9.21 -0.38 14.79
N GLY A 359 9.92 0.11 13.77
CA GLY A 359 9.70 1.44 13.26
C GLY A 359 8.41 1.54 12.47
N LEU A 360 8.19 0.58 11.59
CA LEU A 360 6.96 0.55 10.80
C LEU A 360 5.69 0.47 11.66
N THR A 361 5.65 -0.40 12.66
CA THR A 361 4.41 -0.45 13.43
C THR A 361 4.23 0.77 14.31
N ALA A 362 5.33 1.38 14.74
CA ALA A 362 5.21 2.63 15.47
C ALA A 362 4.46 3.63 14.59
N GLY A 363 4.83 3.69 13.32
CA GLY A 363 4.16 4.56 12.37
C GLY A 363 2.68 4.25 12.19
N THR A 364 2.37 3.01 11.89
CA THR A 364 0.98 2.65 11.64
C THR A 364 0.12 2.61 12.93
N TRP A 365 0.67 2.11 14.02
CA TRP A 365 -0.09 2.12 15.26
C TRP A 365 -0.50 3.54 15.61
N LEU A 366 0.39 4.49 15.45
CA LEU A 366 0.11 5.88 15.82
C LEU A 366 -1.02 6.45 14.96
N ILE A 367 -0.94 6.22 13.66
CA ILE A 367 -1.94 6.76 12.74
C ILE A 367 -3.35 6.24 13.02
N TRP A 368 -3.49 4.93 13.17
CA TRP A 368 -4.78 4.31 13.36
C TRP A 368 -5.35 4.52 14.77
N THR A 369 -4.50 4.72 15.77
CA THR A 369 -5.09 4.89 17.10
C THR A 369 -5.52 6.34 17.32
N ILE A 370 -4.79 7.28 16.74
CA ILE A 370 -5.13 8.69 16.86
C ILE A 370 -6.35 9.00 16.01
N LEU A 371 -6.30 8.65 14.74
CA LEU A 371 -7.44 8.91 13.85
C LEU A 371 -8.64 8.04 14.22
N GLY A 372 -8.39 6.81 14.66
CA GLY A 372 -9.49 5.94 15.03
C GLY A 372 -10.09 6.31 16.37
N GLY A 373 -9.27 6.79 17.29
CA GLY A 373 -9.77 7.18 18.60
C GLY A 373 -10.56 8.48 18.49
N ASN A 374 -10.18 9.32 17.53
CA ASN A 374 -10.91 10.53 17.28
C ASN A 374 -12.29 10.19 16.76
N THR A 375 -12.32 9.38 15.70
CA THR A 375 -13.56 8.96 15.10
C THR A 375 -14.50 8.24 16.09
N LEU A 376 -13.96 7.30 16.84
CA LEU A 376 -14.76 6.58 17.85
C LEU A 376 -15.46 7.55 18.83
N GLN A 377 -14.73 8.54 19.33
CA GLN A 377 -15.26 9.52 20.26
C GLN A 377 -16.39 10.35 19.64
N LEU A 378 -16.20 10.74 18.38
CA LEU A 378 -17.20 11.50 17.66
C LEU A 378 -18.48 10.68 17.50
N ILE A 379 -18.32 9.38 17.30
CA ILE A 379 -19.50 8.50 17.23
C ILE A 379 -20.12 8.34 18.62
N ASP A 380 -19.28 8.18 19.62
CA ASP A 380 -19.76 7.96 20.98
C ASP A 380 -20.60 9.12 21.46
N GLN A 381 -20.13 10.32 21.17
CA GLN A 381 -20.70 11.53 21.75
C GLN A 381 -21.81 12.09 20.87
N ASN A 382 -22.09 11.38 19.78
CA ASN A 382 -23.12 11.80 18.84
C ASN A 382 -22.81 13.15 18.20
N ILE A 383 -21.53 13.49 18.08
CA ILE A 383 -21.14 14.70 17.35
C ILE A 383 -21.49 14.54 15.88
N LEU A 384 -21.38 13.32 15.37
CA LEU A 384 -21.64 13.06 13.97
C LEU A 384 -22.54 11.86 13.81
N ASN A 385 -23.28 11.83 12.70
CA ASN A 385 -24.04 10.67 12.29
C ASN A 385 -23.39 10.15 11.03
N ILE A 386 -22.45 9.21 11.20
CA ILE A 386 -21.61 8.75 10.10
C ILE A 386 -22.41 8.00 9.03
N PRO A 387 -23.25 7.05 9.45
CA PRO A 387 -24.14 6.32 8.52
C PRO A 387 -24.92 7.31 7.63
N GLN A 388 -25.54 8.31 8.26
CA GLN A 388 -26.33 9.29 7.53
C GLN A 388 -25.45 10.04 6.53
N LEU A 389 -24.28 10.50 7.00
CA LEU A 389 -23.35 11.22 6.14
C LEU A 389 -22.90 10.39 4.93
N ILE A 390 -22.68 9.10 5.15
CA ILE A 390 -22.24 8.21 4.09
C ILE A 390 -23.33 7.95 3.07
N ASP A 391 -24.53 7.61 3.55
CA ASP A 391 -25.66 7.35 2.67
C ASP A 391 -25.96 8.56 1.77
N GLN A 392 -25.84 9.73 2.35
CA GLN A 392 -26.08 10.98 1.63
C GLN A 392 -24.93 11.37 0.69
N TYR A 393 -23.70 11.38 1.22
CA TYR A 393 -22.59 12.03 0.51
C TYR A 393 -21.45 11.12 0.06
N GLY A 394 -21.33 9.96 0.67
CA GLY A 394 -20.20 9.08 0.42
C GLY A 394 -19.23 9.04 1.59
N VAL A 395 -18.36 8.04 1.58
CA VAL A 395 -17.45 7.83 2.70
C VAL A 395 -16.46 8.99 2.89
N PRO A 396 -15.87 9.49 1.79
CA PRO A 396 -14.88 10.57 1.93
C PRO A 396 -15.40 11.78 2.69
N ARG A 397 -16.68 12.09 2.54
CA ARG A 397 -17.26 13.23 3.25
C ARG A 397 -17.32 12.97 4.74
N ALA A 398 -17.76 11.76 5.13
CA ALA A 398 -17.76 11.37 6.54
C ALA A 398 -16.37 11.47 7.18
N ILE A 399 -15.34 11.11 6.43
CA ILE A 399 -13.98 11.22 6.93
C ILE A 399 -13.60 12.67 7.17
N ILE A 400 -13.85 13.52 6.17
CA ILE A 400 -13.53 14.96 6.31
C ILE A 400 -14.28 15.54 7.49
N GLU A 401 -15.48 15.02 7.73
CA GLU A 401 -16.28 15.47 8.85
C GLU A 401 -15.66 15.12 10.20
N THR A 402 -14.95 13.98 10.31
CA THR A 402 -14.25 13.68 11.56
C THR A 402 -13.07 14.63 11.78
N TRP A 403 -12.46 15.10 10.71
CA TRP A 403 -11.39 16.09 10.82
C TRP A 403 -11.92 17.47 11.19
N ALA A 404 -12.98 17.91 10.51
CA ALA A 404 -13.52 19.24 10.75
C ALA A 404 -14.21 19.37 12.11
N ALA A 405 -14.40 18.27 12.81
CA ALA A 405 -15.05 18.33 14.12
C ALA A 405 -14.09 18.75 15.21
N LEU A 406 -12.82 18.88 14.85
CA LEU A 406 -11.78 19.28 15.82
C LEU A 406 -11.68 20.81 15.92
N PRO A 407 -11.17 21.30 17.06
CA PRO A 407 -10.94 22.74 17.26
C PRO A 407 -10.11 23.35 16.12
N LEU A 408 -10.18 24.67 15.96
CA LEU A 408 -9.52 25.36 14.84
C LEU A 408 -9.82 24.67 13.52
N SER A 409 -11.10 24.36 13.35
CA SER A 409 -11.61 23.62 12.21
C SER A 409 -11.01 24.02 10.86
N THR A 410 -10.99 25.32 10.55
CA THR A 410 -10.51 25.79 9.26
C THR A 410 -9.01 25.56 9.09
N ALA A 411 -8.25 25.86 10.13
CA ALA A 411 -6.81 25.59 10.11
C ALA A 411 -6.53 24.08 9.97
N THR A 412 -7.26 23.26 10.73
CA THR A 412 -7.08 21.81 10.69
C THR A 412 -7.28 21.26 9.28
N MET A 413 -8.32 21.73 8.61
CA MET A 413 -8.64 21.26 7.27
C MET A 413 -7.62 21.74 6.25
N TRP A 414 -7.01 22.87 6.52
CA TRP A 414 -5.90 23.33 5.70
C TRP A 414 -4.75 22.35 5.82
N GLY A 415 -4.44 21.98 7.07
CA GLY A 415 -3.39 21.01 7.31
C GLY A 415 -3.64 19.73 6.52
N PHE A 416 -4.84 19.17 6.66
CA PHE A 416 -5.17 17.91 6.00
C PHE A 416 -5.21 18.05 4.49
N PHE A 417 -5.75 19.15 4.02
CA PHE A 417 -5.82 19.42 2.59
C PHE A 417 -4.41 19.40 2.01
N ILE A 418 -3.51 20.16 2.62
CA ILE A 418 -2.13 20.20 2.17
C ILE A 418 -1.50 18.81 2.24
N LEU A 419 -1.76 18.09 3.33
CA LEU A 419 -1.20 16.77 3.50
C LEU A 419 -1.63 15.85 2.38
N CYS A 420 -2.93 15.70 2.17
CA CYS A 420 -3.40 14.73 1.18
C CYS A 420 -2.95 15.10 -0.23
N PHE A 421 -2.76 16.41 -0.46
CA PHE A 421 -2.40 16.91 -1.78
C PHE A 421 -0.93 16.62 -2.13
N ILE A 422 -0.03 16.94 -1.22
CA ILE A 422 1.37 16.68 -1.48
C ILE A 422 1.63 15.17 -1.49
N ALA A 423 1.02 14.45 -0.56
CA ALA A 423 1.13 13.00 -0.53
C ALA A 423 0.83 12.41 -1.90
N THR A 424 -0.21 12.91 -2.56
CA THR A 424 -0.63 12.35 -3.83
C THR A 424 0.32 12.72 -4.97
N VAL A 425 0.92 13.91 -4.86
CA VAL A 425 1.92 14.33 -5.82
C VAL A 425 3.13 13.41 -5.78
N THR A 426 3.64 13.16 -4.58
CA THR A 426 4.80 12.29 -4.43
C THR A 426 4.47 10.84 -4.74
N LEU A 427 3.21 10.45 -4.55
CA LEU A 427 2.77 9.10 -4.91
C LEU A 427 2.72 8.92 -6.43
N ILE A 428 2.14 9.89 -7.12
CA ILE A 428 2.11 9.87 -8.57
C ILE A 428 3.51 9.84 -9.15
N ASN A 429 4.38 10.73 -8.66
CA ASN A 429 5.76 10.74 -9.09
C ASN A 429 6.43 9.36 -8.93
N ALA A 430 6.31 8.79 -7.74
CA ALA A 430 6.91 7.48 -7.48
C ALA A 430 6.27 6.38 -8.32
N CYS A 431 4.94 6.44 -8.47
CA CYS A 431 4.23 5.45 -9.25
C CYS A 431 4.70 5.44 -10.70
N SER A 432 4.73 6.63 -11.31
CA SER A 432 5.07 6.77 -12.71
C SER A 432 6.49 6.28 -12.93
N TYR A 433 7.37 6.61 -12.00
CA TYR A 433 8.75 6.15 -12.02
C TYR A 433 8.86 4.63 -12.09
N THR A 434 8.18 3.95 -11.17
CA THR A 434 8.26 2.49 -11.08
C THR A 434 7.75 1.82 -12.34
N LEU A 435 6.62 2.30 -12.86
CA LEU A 435 6.02 1.72 -14.06
C LEU A 435 6.94 1.90 -15.26
N ALA A 436 7.56 3.08 -15.37
CA ALA A 436 8.48 3.36 -16.45
C ALA A 436 9.67 2.42 -16.38
N MET A 437 10.34 2.40 -15.24
CA MET A 437 11.51 1.54 -15.04
C MET A 437 11.23 0.08 -15.33
N SER A 438 9.98 -0.34 -15.13
CA SER A 438 9.65 -1.75 -15.23
C SER A 438 9.26 -2.17 -16.63
N THR A 439 8.95 -1.19 -17.48
CA THR A 439 8.43 -1.48 -18.81
C THR A 439 9.41 -1.07 -19.90
N CYS A 440 10.56 -0.55 -19.50
CA CYS A 440 11.55 -0.09 -20.46
C CYS A 440 12.79 -0.99 -20.48
N ARG A 441 13.52 -0.93 -21.59
CA ARG A 441 14.73 -1.74 -21.76
C ARG A 441 15.76 -1.42 -20.68
N SER A 442 16.52 -2.43 -20.28
CA SER A 442 17.57 -2.22 -19.29
C SER A 442 18.41 -1.00 -19.67
N MET A 443 18.52 -0.07 -18.74
CA MET A 443 19.23 1.17 -18.96
C MET A 443 20.31 1.32 -17.90
N LYS A 444 21.31 2.17 -18.18
CA LYS A 444 22.42 2.36 -17.26
C LYS A 444 21.93 2.85 -15.89
N GLU A 445 22.54 2.33 -14.83
CA GLU A 445 22.11 2.61 -13.47
C GLU A 445 22.14 4.09 -13.12
N GLY A 446 21.28 4.49 -12.19
CA GLY A 446 21.18 5.88 -11.76
C GLY A 446 20.55 6.78 -12.81
N ALA A 447 20.08 6.20 -13.91
CA ALA A 447 19.49 6.97 -14.99
C ALA A 447 17.98 7.03 -14.87
N ASP A 448 17.42 8.22 -15.09
CA ASP A 448 15.96 8.38 -15.11
C ASP A 448 15.37 7.74 -16.36
N PRO A 449 14.13 7.24 -16.25
CA PRO A 449 13.43 6.56 -17.35
C PRO A 449 12.98 7.52 -18.44
N PRO A 450 12.71 7.00 -19.65
CA PRO A 450 12.18 7.80 -20.75
C PRO A 450 10.95 8.60 -20.31
N LEU A 451 11.01 9.92 -20.51
CA LEU A 451 10.01 10.84 -19.97
C LEU A 451 8.59 10.58 -20.46
N LEU A 452 8.43 10.32 -21.76
CA LEU A 452 7.11 10.16 -22.34
C LEU A 452 6.46 8.86 -21.89
N VAL A 453 7.28 7.84 -21.67
CA VAL A 453 6.79 6.60 -21.10
C VAL A 453 6.27 6.87 -19.68
N ARG A 454 7.07 7.61 -18.92
CA ARG A 454 6.76 7.94 -17.53
C ARG A 454 5.46 8.74 -17.38
N ILE A 455 5.29 9.77 -18.20
CA ILE A 455 4.06 10.57 -18.17
C ILE A 455 2.86 9.74 -18.65
N GLY A 456 3.08 8.95 -19.71
CA GLY A 456 2.03 8.13 -20.27
C GLY A 456 1.40 7.19 -19.25
N TRP A 457 2.24 6.66 -18.37
CA TRP A 457 1.77 5.74 -17.33
C TRP A 457 0.96 6.49 -16.28
N SER A 458 1.40 7.69 -15.93
CA SER A 458 0.68 8.49 -14.95
C SER A 458 -0.74 8.77 -15.44
N VAL A 459 -0.87 8.94 -16.75
CA VAL A 459 -2.16 9.21 -17.37
C VAL A 459 -3.07 7.98 -17.30
N LEU A 460 -2.51 6.80 -17.55
CA LEU A 460 -3.30 5.58 -17.49
C LEU A 460 -3.74 5.29 -16.05
N VAL A 461 -2.88 5.60 -15.09
CA VAL A 461 -3.22 5.43 -13.69
C VAL A 461 -4.32 6.41 -13.28
N GLY A 462 -4.26 7.63 -13.84
CA GLY A 462 -5.30 8.62 -13.60
C GLY A 462 -6.64 8.21 -14.16
N ILE A 463 -6.63 7.63 -15.35
CA ILE A 463 -7.85 7.11 -15.94
C ILE A 463 -8.50 6.10 -14.99
N ILE A 464 -7.70 5.15 -14.50
CA ILE A 464 -8.20 4.10 -13.61
C ILE A 464 -8.85 4.68 -12.36
N GLY A 465 -8.26 5.73 -11.80
CA GLY A 465 -8.85 6.42 -10.67
C GLY A 465 -10.22 7.02 -10.98
N ILE A 466 -10.32 7.72 -12.11
CA ILE A 466 -11.58 8.40 -12.44
C ILE A 466 -12.70 7.39 -12.69
N ILE A 467 -12.36 6.27 -13.31
CA ILE A 467 -13.33 5.20 -13.51
C ILE A 467 -13.79 4.63 -12.16
N LEU A 468 -12.83 4.37 -11.27
CA LEU A 468 -13.15 3.84 -9.95
C LEU A 468 -14.09 4.78 -9.24
N LEU A 469 -13.81 6.07 -9.36
CA LEU A 469 -14.67 7.11 -8.81
C LEU A 469 -16.05 7.11 -9.48
N ALA A 470 -16.06 7.04 -10.81
CA ALA A 470 -17.33 6.94 -11.56
C ALA A 470 -18.13 5.74 -11.08
N LEU A 471 -17.45 4.64 -10.79
CA LEU A 471 -18.13 3.44 -10.30
C LEU A 471 -18.73 3.68 -8.93
N GLY A 472 -18.04 4.47 -8.12
CA GLY A 472 -18.55 4.89 -6.81
C GLY A 472 -18.38 3.87 -5.70
N GLY A 473 -18.22 4.35 -4.47
CA GLY A 473 -18.19 3.48 -3.30
C GLY A 473 -16.86 2.81 -3.06
N LEU A 474 -16.81 1.93 -2.05
CA LEU A 474 -15.56 1.25 -1.72
C LEU A 474 -15.30 -0.01 -2.54
N LYS A 475 -16.37 -0.67 -2.95
CA LYS A 475 -16.30 -2.01 -3.55
C LYS A 475 -15.39 -2.12 -4.78
N PRO A 476 -15.45 -1.12 -5.68
CA PRO A 476 -14.55 -1.23 -6.84
C PRO A 476 -13.08 -1.17 -6.45
N ILE A 477 -12.76 -0.36 -5.45
CA ILE A 477 -11.39 -0.23 -5.00
C ILE A 477 -10.94 -1.53 -4.31
N GLN A 478 -11.85 -2.11 -3.54
CA GLN A 478 -11.55 -3.35 -2.83
C GLN A 478 -11.34 -4.53 -3.77
N THR A 479 -12.10 -4.55 -4.87
CA THR A 479 -12.08 -5.69 -5.77
C THR A 479 -10.88 -5.62 -6.70
N ALA A 480 -10.44 -4.41 -7.00
CA ALA A 480 -9.23 -4.24 -7.80
C ALA A 480 -8.04 -4.74 -6.98
N ILE A 481 -8.07 -4.49 -5.68
CA ILE A 481 -7.02 -4.93 -4.78
C ILE A 481 -7.05 -6.46 -4.67
N ILE A 482 -8.22 -7.03 -4.44
CA ILE A 482 -8.34 -8.48 -4.33
C ILE A 482 -7.92 -9.16 -5.62
N ALA A 483 -8.31 -8.58 -6.75
CA ALA A 483 -7.95 -9.12 -8.06
C ALA A 483 -6.43 -9.15 -8.26
N GLY A 484 -5.77 -8.02 -8.04
CA GLY A 484 -4.33 -7.96 -8.14
C GLY A 484 -3.63 -8.87 -7.14
N GLY A 485 -4.24 -9.03 -5.97
CA GLY A 485 -3.65 -9.85 -4.92
C GLY A 485 -3.50 -11.31 -5.33
N CYS A 486 -4.47 -11.83 -6.06
CA CYS A 486 -4.49 -13.24 -6.45
C CYS A 486 -3.23 -13.70 -7.20
N PRO A 487 -2.85 -12.99 -8.28
CA PRO A 487 -1.61 -13.36 -8.96
C PRO A 487 -0.38 -13.16 -8.06
N LEU A 488 -0.33 -12.04 -7.34
CA LEU A 488 0.87 -11.71 -6.56
C LEU A 488 1.04 -12.60 -5.33
N PHE A 489 -0.03 -13.32 -4.97
CA PHE A 489 0.07 -14.39 -3.99
C PHE A 489 1.21 -15.33 -4.44
N PHE A 490 1.17 -15.74 -5.70
CA PHE A 490 2.15 -16.67 -6.26
C PHE A 490 3.49 -16.03 -6.59
N VAL A 491 3.47 -14.78 -6.99
CA VAL A 491 4.71 -14.09 -7.30
C VAL A 491 5.57 -13.90 -6.06
N ASN A 492 4.94 -13.44 -4.98
CA ASN A 492 5.61 -13.24 -3.70
C ASN A 492 6.28 -14.52 -3.21
N ILE A 493 5.53 -15.62 -3.25
CA ILE A 493 6.04 -16.91 -2.82
C ILE A 493 7.23 -17.35 -3.68
N MET A 494 7.15 -17.06 -4.97
CA MET A 494 8.23 -17.44 -5.90
C MET A 494 9.52 -16.72 -5.60
N VAL A 495 9.44 -15.44 -5.29
CA VAL A 495 10.65 -14.68 -4.96
C VAL A 495 11.29 -15.20 -3.66
N THR A 496 10.47 -15.56 -2.68
CA THR A 496 11.05 -16.00 -1.41
C THR A 496 11.67 -17.41 -1.52
N LEU A 497 11.02 -18.29 -2.29
CA LEU A 497 11.58 -19.62 -2.58
C LEU A 497 12.87 -19.48 -3.36
N SER A 498 12.90 -18.54 -4.28
CA SER A 498 14.11 -18.29 -5.05
C SER A 498 15.24 -17.85 -4.11
N PHE A 499 14.94 -16.95 -3.20
CA PHE A 499 15.93 -16.50 -2.23
C PHE A 499 16.39 -17.67 -1.35
N ILE A 500 15.46 -18.51 -0.94
CA ILE A 500 15.79 -19.58 -0.01
C ILE A 500 16.74 -20.58 -0.68
N LYS A 501 16.42 -20.94 -1.92
CA LYS A 501 17.24 -21.83 -2.73
C LYS A 501 18.64 -21.25 -2.98
N ASP A 502 18.71 -20.00 -3.43
CA ASP A 502 20.01 -19.39 -3.66
C ASP A 502 20.85 -19.35 -2.39
N ALA A 503 20.21 -19.00 -1.28
CA ALA A 503 20.93 -18.79 -0.02
C ALA A 503 21.58 -20.08 0.49
N LYS A 504 20.96 -21.22 0.20
CA LYS A 504 21.52 -22.51 0.61
C LYS A 504 22.93 -22.63 0.07
N VAL A 505 23.10 -22.16 -1.16
CA VAL A 505 24.36 -22.30 -1.87
C VAL A 505 25.35 -21.19 -1.58
N HIS A 506 24.92 -19.93 -1.66
CA HIS A 506 25.85 -18.82 -1.55
C HIS A 506 25.93 -18.20 -0.16
N TRP A 507 25.11 -18.68 0.76
CA TRP A 507 25.21 -18.21 2.14
C TRP A 507 25.63 -19.32 3.09
N LYS A 508 26.42 -20.26 2.56
CA LYS A 508 27.24 -21.19 3.33
C LYS A 508 27.74 -22.34 2.46
C1 GOL B . 1.58 -0.01 4.17
O1 GOL B . 0.49 0.10 5.09
C2 GOL B . 1.55 -1.38 3.47
O2 GOL B . 0.23 -1.91 3.57
C3 GOL B . 1.85 -1.20 1.99
O3 GOL B . 2.75 -0.11 1.80
C7 CM5 C . 7.21 -19.01 15.84
C8 CM5 C . 6.50 -18.70 17.16
C9 CM5 C . 4.99 -18.65 16.94
C10 CM5 C . 4.69 -18.23 15.50
C11 CM5 C . 5.10 -19.33 14.54
C6 CM5 C . 6.40 -19.99 15.01
C5 CM5 C . 7.23 -20.45 13.82
C4 CM5 C . 8.50 -21.09 14.34
C3 CM5 C . 9.43 -21.46 13.20
C2 CM5 C . 10.75 -21.96 13.77
C1 CM5 C . 11.58 -20.83 14.38
O12 CM5 C . 12.71 -21.43 15.04
C13 CM5 C . 13.70 -21.79 14.10
C18 CM5 C . 15.04 -21.85 14.79
O22 CM5 C . 15.35 -20.56 15.33
C17 CM5 C . 16.13 -22.30 13.83
O21 CM5 C . 17.35 -22.52 14.56
O14 CM5 C . 13.40 -23.10 13.63
C15 CM5 C . 14.28 -23.59 12.62
C19 CM5 C . 13.88 -25.00 12.20
O20 CM5 C . 12.48 -25.21 12.42
C16 CM5 C . 15.74 -23.58 13.10
O23 CM5 C . 16.55 -23.76 11.94
C24 CM5 C . 17.89 -24.10 12.27
O25 CM5 C . 18.26 -25.29 11.54
C26 CM5 C . 19.58 -25.27 10.99
C30 CM5 C . 20.04 -26.67 10.61
O31 CM5 C . 20.87 -27.24 11.64
C27 CM5 C . 20.51 -24.62 12.00
O32 CM5 C . 21.88 -24.84 11.67
C28 CM5 C . 20.20 -23.13 12.04
O33 CM5 C . 20.62 -22.59 13.30
C29 CM5 C . 18.70 -22.89 11.87
O34 CM5 C . 18.30 -22.53 10.54
OH2 1PE D . 10.49 -2.04 -8.44
C12 1PE D . 10.89 -1.14 -7.39
C22 1PE D . 9.74 -0.94 -6.40
OH3 1PE D . 10.23 -0.31 -5.22
C13 1PE D . 9.74 1.90 -4.37
C23 1PE D . 9.22 0.49 -4.62
OH4 1PE D . 8.68 2.85 -4.41
C14 1PE D . 8.39 5.03 -3.47
C24 1PE D . 9.18 4.18 -4.46
OH5 1PE D . 7.78 4.16 -2.53
C15 1PE D . 7.86 3.09 -0.43
C25 1PE D . 8.23 4.35 -1.19
OH6 1PE D . 6.58 2.70 -0.91
C16 1PE D . 5.47 1.40 -2.60
C26 1PE D . 6.61 1.44 -1.57
OH7 1PE D . 4.31 2.01 -2.05
#